data_1M0P
#
_entry.id   1M0P
#
_cell.length_a   150.770
_cell.length_b   150.770
_cell.length_c   84.630
_cell.angle_alpha   90.00
_cell.angle_beta   90.00
_cell.angle_gamma   120.00
#
_symmetry.space_group_name_H-M   'P 64 2 2'
#
loop_
_entity.id
_entity.type
_entity.pdbx_description
1 polymer '2,2-Dialkylglycine Decarboxylase'
2 non-polymer 'POTASSIUM ION'
3 non-polymer 'SODIUM ION'
4 non-polymer '(1R)-1-[((1E)-{3-HYDROXY-2-METHYL-5-[(PHOSPHONOOXY)METHYL]PYRIDIN-4-YL}METHYLENE)AMINO]-1-PHENYLETHYLPHOSPHONIC ACID'
5 water water
#
_entity_poly.entity_id   1
_entity_poly.type   'polypeptide(L)'
_entity_poly.pdbx_seq_one_letter_code
;MSLNDDATFWRNARHHLVRYGGTFEPMIIERAKGSFVYDADGRAILDFTSGQMSAVLGHCHPEIVSVIGEYAGKLDHLFS
EMLSRPVVDLATRLANITPPGLDRALLLSTGAESNEAAIRMAKLVTGKYEIVGFAQSWHGMTGAAASATYSAGRKGVGPA
AVGSFAIPAPFTYRPRFERNGAYDYLAELDYAFDLIDRQSSGNLAAFIAEPILSSGGIIELPDGYMAALKRKCEARGMLL
ILDEAQTGVGRTGTMFACQRDGVTPDILTLSKTLGAGLPLAAIVTSAAIEERAHELGYLFYTTHVSDPLPAAVGLRVLDV
VQRDGLVARANVMGDRLRRGLLDLMERFDCIGDVRGRGLLLGVEIVKDRRTKEPADGLGAKITRECMNLGLSMNIVQLPG
MGGVFRIAPPLTVSEDEIDLGLSLLGQAIERAL
;
_entity_poly.pdbx_strand_id   A
#
# COMPACT_ATOMS: atom_id res chain seq x y z
N LEU A 3 -20.04 -25.76 -9.74
CA LEU A 3 -20.36 -24.77 -8.62
C LEU A 3 -19.27 -24.38 -7.59
N ASN A 4 -19.59 -23.32 -6.92
CA ASN A 4 -18.80 -22.82 -5.91
C ASN A 4 -19.04 -23.71 -4.71
N ASP A 5 -19.99 -24.64 -4.82
CA ASP A 5 -20.37 -25.55 -3.71
C ASP A 5 -19.55 -26.83 -3.36
N ASP A 6 -18.54 -27.20 -4.16
CA ASP A 6 -17.67 -28.37 -3.87
C ASP A 6 -17.51 -28.61 -2.36
N ALA A 7 -18.39 -29.44 -1.79
CA ALA A 7 -18.39 -29.77 -0.36
C ALA A 7 -17.04 -30.21 0.11
N THR A 8 -16.43 -31.07 -0.65
CA THR A 8 -15.11 -31.55 -0.30
C THR A 8 -14.16 -30.39 -0.05
N PHE A 9 -14.19 -29.45 -1.03
CA PHE A 9 -13.40 -28.20 -1.03
C PHE A 9 -13.68 -27.53 0.24
N TRP A 10 -14.92 -27.18 0.42
CA TRP A 10 -15.19 -26.52 1.65
C TRP A 10 -14.89 -27.29 2.95
N ARG A 11 -15.03 -28.61 2.86
CA ARG A 11 -14.72 -29.46 4.00
C ARG A 11 -13.24 -29.23 4.40
N ASN A 12 -12.40 -29.58 3.46
CA ASN A 12 -10.96 -29.41 3.63
C ASN A 12 -10.59 -28.03 4.05
N ALA A 13 -11.24 -27.06 3.41
CA ALA A 13 -10.98 -25.70 3.67
C ALA A 13 -11.20 -25.46 5.12
N ARG A 14 -12.26 -26.09 5.63
CA ARG A 14 -12.62 -25.99 7.01
C ARG A 14 -11.66 -26.80 7.86
N HIS A 15 -11.36 -27.96 7.36
CA HIS A 15 -10.46 -28.86 8.04
C HIS A 15 -9.04 -28.31 8.29
N HIS A 16 -8.43 -27.79 7.22
CA HIS A 16 -7.03 -27.44 7.28
C HIS A 16 -6.51 -26.03 7.07
N LEU A 17 -7.34 -25.00 7.26
CA LEU A 17 -6.84 -23.69 7.07
C LEU A 17 -6.74 -22.85 8.30
N VAL A 18 -5.60 -22.25 8.45
CA VAL A 18 -5.47 -21.35 9.52
C VAL A 18 -6.16 -20.14 9.04
N ARG A 19 -6.85 -19.53 9.98
CA ARG A 19 -7.58 -18.30 9.73
C ARG A 19 -6.70 -17.18 10.23
N TYR A 20 -6.63 -16.12 9.47
CA TYR A 20 -5.69 -15.13 9.79
C TYR A 20 -6.18 -13.80 9.56
N GLY A 21 -7.52 -13.63 9.55
CA GLY A 21 -8.15 -12.33 9.36
C GLY A 21 -9.35 -12.22 8.37
N GLY A 22 -10.40 -11.53 8.80
CA GLY A 22 -11.53 -11.38 7.89
C GLY A 22 -12.40 -12.63 7.73
N THR A 23 -13.06 -12.66 6.58
CA THR A 23 -14.03 -13.65 6.24
C THR A 23 -13.57 -14.18 4.92
N PHE A 24 -13.75 -15.50 4.66
CA PHE A 24 -13.35 -16.09 3.36
C PHE A 24 -14.49 -15.89 2.35
N GLU A 25 -14.13 -15.40 1.19
CA GLU A 25 -15.09 -15.26 0.18
C GLU A 25 -15.72 -16.59 -0.16
N PRO A 26 -17.02 -16.64 -0.14
CA PRO A 26 -17.67 -17.85 -0.44
C PRO A 26 -17.60 -18.13 -1.86
N MET A 27 -16.48 -18.46 -2.45
CA MET A 27 -16.53 -18.85 -3.86
C MET A 27 -15.31 -19.63 -4.18
N ILE A 28 -15.19 -20.09 -5.40
CA ILE A 28 -13.99 -20.82 -5.76
C ILE A 28 -13.45 -20.26 -7.01
N ILE A 29 -12.45 -19.39 -6.85
CA ILE A 29 -11.79 -18.70 -7.97
C ILE A 29 -10.97 -19.69 -8.77
N GLU A 30 -11.42 -19.90 -10.01
CA GLU A 30 -10.85 -20.85 -10.95
C GLU A 30 -9.80 -20.18 -11.83
N ARG A 31 -10.01 -18.92 -12.13
CA ARG A 31 -9.02 -18.23 -12.88
C ARG A 31 -9.09 -16.79 -12.83
N ALA A 32 -8.10 -16.14 -13.45
CA ALA A 32 -8.04 -14.67 -13.43
C ALA A 32 -7.32 -14.13 -14.63
N LYS A 33 -7.93 -13.19 -15.34
CA LYS A 33 -7.28 -12.57 -16.51
C LYS A 33 -7.65 -11.14 -16.51
N GLY A 34 -6.67 -10.29 -16.87
CA GLY A 34 -6.84 -8.86 -16.94
C GLY A 34 -7.48 -8.37 -15.70
N SER A 35 -8.61 -7.74 -15.81
CA SER A 35 -9.26 -7.14 -14.60
C SER A 35 -10.31 -8.04 -13.94
N PHE A 36 -10.18 -9.33 -14.25
CA PHE A 36 -11.13 -10.26 -13.74
C PHE A 36 -10.68 -11.52 -13.17
N VAL A 37 -11.46 -11.96 -12.18
CA VAL A 37 -11.31 -13.29 -11.61
C VAL A 37 -12.66 -13.98 -11.89
N TYR A 38 -12.60 -15.31 -11.84
CA TYR A 38 -13.73 -16.11 -12.17
C TYR A 38 -13.85 -17.25 -11.23
N ASP A 39 -15.06 -17.38 -10.67
CA ASP A 39 -15.41 -18.44 -9.73
C ASP A 39 -15.46 -19.82 -10.37
N ALA A 40 -15.89 -20.79 -9.58
CA ALA A 40 -16.00 -22.14 -10.05
C ALA A 40 -17.18 -22.21 -11.01
N ASP A 41 -18.08 -21.19 -11.01
CA ASP A 41 -19.24 -21.17 -11.96
C ASP A 41 -18.84 -20.48 -13.22
N GLY A 42 -17.81 -19.63 -13.17
CA GLY A 42 -17.34 -18.95 -14.41
C GLY A 42 -17.76 -17.49 -14.45
N ARG A 43 -18.32 -17.05 -13.34
CA ARG A 43 -18.77 -15.69 -13.20
C ARG A 43 -17.50 -14.82 -13.17
N ALA A 44 -17.52 -13.79 -13.95
CA ALA A 44 -16.40 -12.97 -13.96
C ALA A 44 -16.61 -11.90 -12.94
N ILE A 45 -15.57 -11.70 -12.15
CA ILE A 45 -15.65 -10.74 -11.13
C ILE A 45 -14.69 -9.67 -11.37
N LEU A 46 -15.23 -8.49 -11.44
CA LEU A 46 -14.46 -7.37 -11.69
C LEU A 46 -13.56 -7.09 -10.44
N ASP A 47 -12.27 -7.16 -10.68
CA ASP A 47 -11.29 -6.97 -9.62
C ASP A 47 -10.87 -5.51 -9.28
N PHE A 48 -11.62 -4.81 -8.43
CA PHE A 48 -11.31 -3.40 -8.07
C PHE A 48 -10.30 -3.22 -7.03
N THR A 49 -9.57 -4.27 -6.65
CA THR A 49 -8.56 -4.10 -5.62
C THR A 49 -7.23 -4.56 -6.11
N SER A 50 -7.20 -4.96 -7.37
CA SER A 50 -5.92 -5.40 -7.94
C SER A 50 -5.42 -6.57 -7.12
N GLY A 51 -6.32 -7.50 -6.86
CA GLY A 51 -5.98 -8.70 -6.06
C GLY A 51 -5.87 -8.16 -4.67
N GLN A 52 -4.77 -8.47 -3.97
CA GLN A 52 -4.58 -7.87 -2.67
C GLN A 52 -3.82 -6.54 -2.91
N MET A 53 -4.39 -5.66 -3.75
CA MET A 53 -3.77 -4.38 -4.05
C MET A 53 -2.39 -4.45 -4.66
N SER A 54 -2.11 -5.53 -5.41
CA SER A 54 -0.80 -5.74 -6.03
C SER A 54 -0.85 -5.62 -7.52
N ALA A 55 -1.57 -6.56 -8.12
CA ALA A 55 -1.67 -6.66 -9.57
C ALA A 55 -1.80 -5.36 -10.39
N VAL A 56 -0.70 -4.75 -10.63
CA VAL A 56 -0.72 -3.49 -11.32
C VAL A 56 -0.93 -3.56 -12.90
N LEU A 57 -0.61 -4.73 -13.49
CA LEU A 57 -0.78 -5.08 -14.92
C LEU A 57 -1.98 -6.07 -15.10
N GLY A 58 -2.68 -6.25 -13.99
CA GLY A 58 -3.79 -7.20 -13.87
C GLY A 58 -3.37 -8.66 -13.68
N HIS A 59 -4.35 -9.57 -13.79
CA HIS A 59 -4.00 -10.96 -13.66
C HIS A 59 -3.43 -11.49 -14.93
N CYS A 60 -2.43 -12.31 -14.76
CA CYS A 60 -1.81 -12.98 -15.84
C CYS A 60 -1.40 -12.26 -17.10
N HIS A 61 -0.82 -11.06 -16.92
CA HIS A 61 -0.24 -10.27 -18.00
C HIS A 61 0.85 -11.10 -18.76
N PRO A 62 0.56 -11.33 -20.02
CA PRO A 62 1.38 -12.10 -20.95
C PRO A 62 2.80 -11.80 -20.82
N GLU A 63 3.10 -10.56 -20.46
CA GLU A 63 4.50 -10.16 -20.31
C GLU A 63 5.20 -10.90 -19.15
N ILE A 64 4.58 -10.84 -18.00
CA ILE A 64 5.05 -11.51 -16.81
C ILE A 64 5.13 -12.98 -16.99
N VAL A 65 4.10 -13.45 -17.69
CA VAL A 65 3.95 -14.87 -18.02
C VAL A 65 5.21 -15.30 -18.83
N SER A 66 5.61 -14.42 -19.73
CA SER A 66 6.81 -14.72 -20.51
C SER A 66 8.15 -14.71 -19.64
N VAL A 67 8.31 -13.62 -18.91
CA VAL A 67 9.49 -13.51 -18.15
C VAL A 67 9.53 -14.62 -17.17
N ILE A 68 8.41 -14.82 -16.54
CA ILE A 68 8.31 -15.86 -15.54
C ILE A 68 8.72 -17.24 -16.00
N GLY A 69 8.07 -17.64 -17.05
CA GLY A 69 8.31 -18.96 -17.58
C GLY A 69 9.74 -19.00 -17.79
N GLU A 70 10.19 -18.05 -18.63
CA GLU A 70 11.58 -17.82 -18.99
C GLU A 70 12.57 -18.06 -17.86
N TYR A 71 12.53 -17.26 -16.81
CA TYR A 71 13.50 -17.44 -15.76
C TYR A 71 13.38 -18.64 -14.95
N ALA A 72 12.15 -19.06 -14.82
CA ALA A 72 11.84 -20.26 -14.08
C ALA A 72 12.68 -21.45 -14.58
N GLY A 73 12.78 -21.53 -15.93
CA GLY A 73 13.51 -22.58 -16.62
C GLY A 73 15.02 -22.30 -16.94
N LYS A 74 15.46 -21.02 -16.74
CA LYS A 74 16.83 -20.55 -17.02
C LYS A 74 17.66 -20.30 -15.73
N LEU A 75 17.17 -19.41 -14.82
CA LEU A 75 17.85 -18.99 -13.57
C LEU A 75 16.82 -18.79 -12.59
N ASP A 76 16.63 -19.77 -11.78
CA ASP A 76 15.56 -19.68 -10.89
C ASP A 76 15.93 -19.00 -9.56
N HIS A 77 16.65 -19.77 -8.74
CA HIS A 77 17.07 -19.37 -7.38
C HIS A 77 18.57 -19.64 -7.21
N LEU A 78 19.20 -18.77 -6.43
CA LEU A 78 20.60 -18.85 -6.19
C LEU A 78 20.93 -18.53 -4.76
N PHE A 79 22.17 -18.94 -4.40
CA PHE A 79 22.91 -18.70 -3.17
C PHE A 79 22.96 -17.18 -2.97
N SER A 80 22.47 -16.65 -1.83
CA SER A 80 22.39 -15.21 -1.62
C SER A 80 23.60 -14.39 -1.90
N GLU A 81 24.75 -15.05 -2.01
CA GLU A 81 25.95 -14.33 -2.28
C GLU A 81 26.51 -14.50 -3.72
N MET A 82 25.60 -14.70 -4.64
CA MET A 82 25.96 -14.86 -6.04
C MET A 82 25.10 -13.90 -6.86
N LEU A 83 25.76 -12.98 -7.63
CA LEU A 83 25.03 -12.02 -8.42
C LEU A 83 24.69 -12.58 -9.79
N SER A 84 23.68 -11.97 -10.44
CA SER A 84 23.14 -12.36 -11.77
C SER A 84 22.60 -11.07 -12.42
N ARG A 85 22.26 -11.18 -13.67
CA ARG A 85 21.80 -10.02 -14.41
C ARG A 85 20.50 -9.27 -13.95
N PRO A 86 19.45 -10.05 -13.82
CA PRO A 86 18.17 -9.52 -13.50
C PRO A 86 18.34 -8.62 -12.32
N VAL A 87 19.07 -9.18 -11.33
CA VAL A 87 19.34 -8.48 -10.07
C VAL A 87 20.02 -7.20 -10.22
N VAL A 88 21.09 -7.17 -11.00
CA VAL A 88 21.79 -5.89 -11.17
C VAL A 88 20.96 -4.94 -12.04
N ASP A 89 20.34 -5.53 -13.05
CA ASP A 89 19.49 -4.73 -13.84
C ASP A 89 18.43 -4.07 -13.02
N LEU A 90 17.67 -4.86 -12.27
CA LEU A 90 16.60 -4.26 -11.42
C LEU A 90 17.07 -3.17 -10.41
N ALA A 91 18.13 -3.53 -9.68
CA ALA A 91 18.65 -2.59 -8.69
C ALA A 91 18.92 -1.26 -9.34
N THR A 92 19.52 -1.34 -10.54
CA THR A 92 19.90 -0.19 -11.32
C THR A 92 18.69 0.60 -11.82
N ARG A 93 17.81 -0.11 -12.50
CA ARG A 93 16.64 0.54 -12.98
C ARG A 93 16.15 1.38 -11.82
N LEU A 94 15.78 0.65 -10.81
CA LEU A 94 15.32 1.26 -9.64
C LEU A 94 16.09 2.53 -9.21
N ALA A 95 17.41 2.45 -9.13
CA ALA A 95 18.21 3.62 -8.68
C ALA A 95 17.94 4.71 -9.72
N ASN A 96 17.72 4.23 -10.92
CA ASN A 96 17.39 5.09 -12.00
C ASN A 96 16.04 5.77 -12.03
N ILE A 97 15.00 5.03 -11.68
CA ILE A 97 13.71 5.68 -11.78
C ILE A 97 13.32 6.28 -10.53
N THR A 98 14.17 6.20 -9.55
CA THR A 98 13.77 6.83 -8.34
C THR A 98 14.47 8.09 -8.28
N PRO A 99 13.93 8.94 -7.46
CA PRO A 99 14.48 10.22 -7.26
C PRO A 99 15.95 10.23 -6.90
N PRO A 100 16.51 11.41 -7.06
CA PRO A 100 17.90 11.61 -6.81
C PRO A 100 18.08 11.36 -5.34
N GLY A 101 19.19 10.75 -5.00
CA GLY A 101 19.42 10.48 -3.62
C GLY A 101 19.09 9.03 -3.28
N LEU A 102 18.47 8.32 -4.22
CA LEU A 102 18.15 6.92 -3.99
C LEU A 102 19.05 6.22 -4.88
N ASP A 103 20.01 5.53 -4.31
CA ASP A 103 21.08 4.95 -5.11
C ASP A 103 21.25 3.53 -5.14
N ARG A 104 21.25 2.93 -3.98
CA ARG A 104 21.40 1.51 -3.91
C ARG A 104 20.11 0.79 -3.46
N ALA A 105 19.86 -0.40 -4.02
CA ALA A 105 18.68 -1.22 -3.66
C ALA A 105 19.01 -2.58 -3.09
N LEU A 106 18.06 -3.07 -2.27
CA LEU A 106 18.06 -4.42 -1.69
C LEU A 106 16.74 -5.25 -2.15
N LEU A 107 16.98 -6.37 -2.81
CA LEU A 107 15.89 -7.15 -3.40
C LEU A 107 15.44 -8.30 -2.55
N LEU A 108 14.29 -8.08 -1.94
CA LEU A 108 13.63 -9.00 -1.03
C LEU A 108 12.29 -9.53 -1.54
N SER A 109 11.47 -10.04 -0.61
CA SER A 109 10.20 -10.70 -0.98
C SER A 109 8.88 -10.08 -0.55
N THR A 110 8.81 -9.58 0.69
CA THR A 110 7.57 -8.92 1.18
C THR A 110 7.75 -7.49 1.67
N GLY A 111 6.63 -6.79 1.74
CA GLY A 111 6.62 -5.40 2.20
C GLY A 111 6.92 -5.25 3.69
N ALA A 112 6.63 -6.28 4.50
CA ALA A 112 6.86 -6.20 5.95
C ALA A 112 8.29 -6.38 6.04
N GLU A 113 8.73 -7.28 5.17
CA GLU A 113 10.13 -7.62 5.11
C GLU A 113 10.92 -6.38 4.81
N SER A 114 10.56 -5.77 3.68
CA SER A 114 11.13 -4.54 3.19
C SER A 114 11.11 -3.53 4.31
N ASN A 115 9.99 -3.30 4.95
CA ASN A 115 10.02 -2.34 6.12
C ASN A 115 11.04 -2.68 7.28
N GLU A 116 11.15 -3.97 7.59
CA GLU A 116 12.09 -4.47 8.57
C GLU A 116 13.53 -4.19 8.12
N ALA A 117 13.83 -4.52 6.90
CA ALA A 117 15.15 -4.27 6.37
C ALA A 117 15.47 -2.79 6.57
N ALA A 118 14.52 -1.95 6.25
CA ALA A 118 14.64 -0.50 6.36
C ALA A 118 14.89 -0.03 7.82
N ILE A 119 14.00 -0.52 8.69
CA ILE A 119 14.07 -0.16 10.07
C ILE A 119 15.41 -0.52 10.66
N ARG A 120 15.85 -1.74 10.43
CA ARG A 120 17.07 -2.18 11.05
C ARG A 120 18.14 -1.26 10.59
N MET A 121 18.13 -0.99 9.28
CA MET A 121 19.12 -0.10 8.66
C MET A 121 19.24 1.32 9.25
N ALA A 122 18.12 1.89 9.66
CA ALA A 122 18.17 3.22 10.30
C ALA A 122 18.68 3.06 11.71
N LYS A 123 18.26 1.96 12.35
CA LYS A 123 18.72 1.76 13.70
C LYS A 123 20.25 1.62 13.66
N LEU A 124 20.73 0.76 12.74
CA LEU A 124 22.13 0.49 12.56
C LEU A 124 22.84 1.77 12.34
N VAL A 125 22.36 2.60 11.43
CA VAL A 125 23.07 3.87 11.12
C VAL A 125 22.97 5.05 12.07
N THR A 126 21.88 5.14 12.85
CA THR A 126 21.71 6.26 13.82
C THR A 126 22.30 5.92 15.17
N GLY A 127 22.35 4.62 15.41
CA GLY A 127 22.78 4.06 16.65
C GLY A 127 21.58 4.16 17.56
N LYS A 128 20.40 4.27 16.98
CA LYS A 128 19.24 4.44 17.83
C LYS A 128 18.21 3.42 17.60
N TYR A 129 17.14 3.46 18.38
CA TYR A 129 16.11 2.42 18.28
C TYR A 129 14.64 2.81 18.26
N GLU A 130 14.35 4.10 18.51
CA GLU A 130 12.97 4.61 18.57
C GLU A 130 12.46 4.92 17.17
N ILE A 131 11.22 4.42 16.91
CA ILE A 131 10.50 4.50 15.59
C ILE A 131 9.15 5.09 15.77
N VAL A 132 8.81 5.92 14.83
CA VAL A 132 7.59 6.66 14.92
C VAL A 132 6.84 6.55 13.66
N GLY A 133 5.52 6.25 13.80
CA GLY A 133 4.59 6.13 12.69
C GLY A 133 3.28 6.86 13.01
N PHE A 134 2.35 6.73 12.06
CA PHE A 134 0.99 7.28 12.20
C PHE A 134 0.13 6.40 12.96
N ALA A 135 -0.82 7.02 13.59
CA ALA A 135 -1.68 6.23 14.40
C ALA A 135 -2.60 5.39 13.63
N GLN A 136 -2.61 5.54 12.33
CA GLN A 136 -3.48 4.71 11.55
C GLN A 136 -2.69 4.00 10.49
N SER A 137 -1.42 3.76 10.83
CA SER A 137 -0.45 3.17 9.93
C SER A 137 -0.64 1.70 9.80
N TRP A 138 -0.07 1.19 8.74
CA TRP A 138 0.00 -0.24 8.46
C TRP A 138 1.30 -0.50 7.72
N HIS A 139 2.14 -1.32 8.34
CA HIS A 139 3.38 -1.65 7.71
C HIS A 139 3.71 -3.12 7.52
N GLY A 140 2.99 -4.02 8.21
CA GLY A 140 3.28 -5.45 8.08
C GLY A 140 2.89 -6.23 9.31
N MET A 141 2.99 -7.55 9.18
CA MET A 141 2.57 -8.46 10.21
C MET A 141 3.72 -8.82 11.11
N THR A 142 4.92 -8.52 10.64
CA THR A 142 6.15 -8.82 11.39
C THR A 142 6.70 -7.79 12.34
N GLY A 143 7.44 -8.32 13.30
CA GLY A 143 8.07 -7.55 14.37
C GLY A 143 8.06 -6.01 14.31
N ALA A 144 9.11 -5.47 13.73
CA ALA A 144 9.26 -4.08 13.67
C ALA A 144 8.16 -3.52 12.89
N ALA A 145 7.91 -4.09 11.74
CA ALA A 145 6.83 -3.60 10.91
C ALA A 145 5.59 -3.54 11.82
N ALA A 146 5.28 -4.69 12.38
CA ALA A 146 4.15 -4.72 13.28
C ALA A 146 4.23 -3.71 14.45
N SER A 147 5.35 -3.60 15.11
CA SER A 147 5.42 -2.57 16.23
C SER A 147 5.09 -1.12 15.77
N ALA A 148 5.35 -0.83 14.51
CA ALA A 148 5.10 0.47 13.87
C ALA A 148 3.65 0.61 13.33
N THR A 149 2.88 -0.48 13.38
CA THR A 149 1.57 -0.50 12.79
C THR A 149 0.53 -0.12 13.75
N TYR A 150 -0.18 0.95 13.45
CA TYR A 150 -1.16 1.39 14.41
C TYR A 150 -2.62 1.31 14.04
N SER A 151 -2.92 1.28 12.72
CA SER A 151 -4.26 1.16 12.25
C SER A 151 -4.83 -0.08 12.96
N ALA A 152 -4.04 -1.12 13.12
CA ALA A 152 -4.61 -2.32 13.71
C ALA A 152 -3.59 -3.28 14.24
N GLY A 153 -4.08 -4.46 14.70
CA GLY A 153 -3.30 -5.58 15.26
C GLY A 153 -2.33 -5.49 16.49
N ARG A 154 -2.53 -4.50 17.37
CA ARG A 154 -1.63 -4.27 18.53
C ARG A 154 -1.92 -5.03 19.81
N LYS A 155 -3.19 -5.39 19.99
CA LYS A 155 -3.55 -6.03 21.19
C LYS A 155 -3.32 -7.59 21.25
N GLY A 156 -3.16 -8.10 22.48
CA GLY A 156 -3.03 -9.55 22.78
C GLY A 156 -1.89 -10.46 22.36
N VAL A 157 -0.81 -9.83 21.90
CA VAL A 157 0.35 -10.51 21.36
C VAL A 157 1.64 -10.07 21.95
N GLY A 158 1.55 -9.48 23.14
CA GLY A 158 2.77 -9.08 23.94
C GLY A 158 3.20 -7.64 23.76
N PRO A 159 4.27 -7.16 24.51
CA PRO A 159 4.76 -5.78 24.32
C PRO A 159 5.21 -5.55 22.86
N ALA A 160 5.11 -4.33 22.40
CA ALA A 160 5.62 -4.06 21.11
C ALA A 160 7.12 -3.82 21.25
N ALA A 161 7.72 -3.50 20.15
CA ALA A 161 9.07 -3.24 20.20
C ALA A 161 9.27 -2.01 21.00
N VAL A 162 10.26 -2.10 21.83
CA VAL A 162 10.75 -0.98 22.59
C VAL A 162 10.88 0.36 21.74
N GLY A 163 10.37 1.46 22.22
CA GLY A 163 10.61 2.73 21.51
C GLY A 163 9.65 3.02 20.41
N SER A 164 8.46 2.42 20.49
CA SER A 164 7.50 2.68 19.44
C SER A 164 6.54 3.74 19.83
N PHE A 165 6.43 4.73 18.94
CA PHE A 165 5.48 5.81 19.06
C PHE A 165 4.70 6.11 17.84
N ALA A 166 3.65 6.87 18.00
CA ALA A 166 2.87 7.20 16.84
C ALA A 166 2.39 8.56 16.99
N ILE A 167 2.20 9.27 15.90
CA ILE A 167 1.54 10.57 16.01
C ILE A 167 0.28 10.48 15.12
N PRO A 168 -0.73 11.27 15.43
CA PRO A 168 -1.94 11.30 14.59
C PRO A 168 -1.54 11.66 13.14
N ALA A 169 -2.31 11.24 12.16
CA ALA A 169 -2.01 11.55 10.75
C ALA A 169 -2.85 12.77 10.30
N PRO A 170 -2.26 13.65 9.43
CA PRO A 170 -2.99 14.83 8.93
C PRO A 170 -4.24 14.28 8.16
N PHE A 171 -5.46 14.50 8.72
CA PHE A 171 -6.74 14.01 8.16
C PHE A 171 -7.79 15.11 7.95
N THR A 172 -7.73 15.65 6.74
CA THR A 172 -8.57 16.75 6.29
C THR A 172 -10.06 16.45 6.34
N TYR A 173 -10.43 15.19 6.12
CA TYR A 173 -11.81 14.78 6.21
C TYR A 173 -12.36 14.78 7.67
N ARG A 174 -11.57 14.30 8.62
CA ARG A 174 -12.06 14.31 9.97
C ARG A 174 -11.02 14.94 10.81
N PRO A 175 -10.72 16.17 10.51
CA PRO A 175 -9.74 17.02 11.25
C PRO A 175 -9.96 17.27 12.78
N ARG A 176 -8.91 17.27 13.61
CA ARG A 176 -9.15 17.54 15.01
C ARG A 176 -8.24 18.56 15.65
N PHE A 177 -7.53 19.29 14.79
CA PHE A 177 -6.59 20.29 15.30
C PHE A 177 -6.87 21.72 14.84
N GLU A 178 -7.43 22.50 15.74
CA GLU A 178 -7.80 23.83 15.35
C GLU A 178 -6.74 24.88 15.63
N ARG A 179 -6.61 25.74 14.69
CA ARG A 179 -5.79 26.83 14.94
C ARG A 179 -6.38 28.07 14.19
N ASN A 180 -6.98 28.97 14.96
CA ASN A 180 -7.61 30.18 14.45
C ASN A 180 -8.72 29.84 13.55
N GLY A 181 -9.51 28.89 14.05
CA GLY A 181 -10.64 28.43 13.30
C GLY A 181 -10.30 27.67 11.98
N ALA A 182 -9.19 26.98 11.93
CA ALA A 182 -8.88 26.16 10.73
C ALA A 182 -8.03 24.97 11.11
N TYR A 183 -8.01 23.96 10.23
CA TYR A 183 -7.22 22.77 10.53
C TYR A 183 -5.87 23.13 10.21
N ASP A 184 -5.12 23.39 11.26
CA ASP A 184 -3.78 23.69 11.06
C ASP A 184 -3.07 22.37 11.28
N TYR A 185 -2.98 21.60 10.21
CA TYR A 185 -2.39 20.32 10.36
C TYR A 185 -0.92 20.39 10.50
N LEU A 186 -0.40 21.54 10.19
CA LEU A 186 1.02 21.75 10.30
C LEU A 186 1.33 21.93 11.75
N ALA A 187 0.46 22.65 12.45
CA ALA A 187 0.70 22.91 13.88
C ALA A 187 0.54 21.57 14.63
N GLU A 188 -0.33 20.70 14.10
CA GLU A 188 -0.59 19.39 14.67
C GLU A 188 0.72 18.71 14.74
N LEU A 189 1.37 18.73 13.59
CA LEU A 189 2.69 18.15 13.43
C LEU A 189 3.62 18.63 14.57
N ASP A 190 3.73 19.89 14.61
CA ASP A 190 4.58 20.44 15.55
C ASP A 190 4.25 19.91 16.88
N TYR A 191 2.99 20.09 17.24
CA TYR A 191 2.44 19.75 18.52
C TYR A 191 2.65 18.27 18.94
N ALA A 192 2.50 17.35 17.98
CA ALA A 192 2.74 15.94 18.24
C ALA A 192 4.20 15.65 18.66
N PHE A 193 5.07 16.22 17.84
CA PHE A 193 6.45 16.06 17.91
C PHE A 193 6.98 16.60 19.12
N ASP A 194 6.36 17.62 19.63
CA ASP A 194 6.92 18.14 20.86
C ASP A 194 6.62 17.10 21.89
N LEU A 195 5.46 16.45 21.75
CA LEU A 195 5.11 15.40 22.69
C LEU A 195 6.11 14.22 22.53
N ILE A 196 6.25 13.78 21.32
CA ILE A 196 7.12 12.70 21.14
C ILE A 196 8.41 13.10 21.81
N ASP A 197 8.86 14.29 21.45
CA ASP A 197 10.17 14.73 21.93
C ASP A 197 10.23 14.50 23.36
N ARG A 198 9.14 14.85 24.01
CA ARG A 198 9.14 14.68 25.44
C ARG A 198 9.11 13.26 25.85
N GLN A 199 8.63 12.36 25.01
CA GLN A 199 8.64 10.96 25.47
C GLN A 199 9.98 10.24 25.14
N SER A 200 10.74 10.72 24.14
CA SER A 200 12.01 10.08 23.69
C SER A 200 12.99 9.80 24.82
N SER A 201 13.76 8.71 24.68
CA SER A 201 14.87 8.37 25.66
C SER A 201 16.11 9.03 24.99
N GLY A 202 15.78 9.82 23.98
CA GLY A 202 16.72 10.44 23.19
C GLY A 202 17.20 9.43 22.20
N ASN A 203 16.34 8.51 21.77
CA ASN A 203 16.78 7.56 20.76
C ASN A 203 16.06 7.50 19.50
N LEU A 204 15.50 8.63 19.02
CA LEU A 204 14.85 8.74 17.66
C LEU A 204 15.79 8.30 16.50
N ALA A 205 15.37 7.27 15.80
CA ALA A 205 16.12 6.73 14.75
C ALA A 205 15.39 7.05 13.46
N ALA A 206 14.05 6.91 13.46
CA ALA A 206 13.24 7.20 12.23
C ALA A 206 11.76 7.42 12.40
N PHE A 207 11.18 7.81 11.27
CA PHE A 207 9.80 7.98 11.18
C PHE A 207 9.46 7.26 9.97
N ILE A 208 8.43 6.47 10.09
CA ILE A 208 8.02 5.73 8.93
C ILE A 208 6.59 6.15 8.50
N ALA A 209 6.36 6.21 7.20
CA ALA A 209 5.11 6.68 6.73
C ALA A 209 4.73 6.27 5.34
N GLU A 210 3.43 6.06 5.22
CA GLU A 210 2.80 5.76 3.99
C GLU A 210 2.41 7.17 3.36
N PRO A 211 2.70 7.35 2.11
CA PRO A 211 2.41 8.66 1.49
C PRO A 211 0.92 8.98 1.60
N ILE A 212 0.12 7.93 1.32
CA ILE A 212 -1.37 7.90 1.47
C ILE A 212 -1.67 6.62 2.33
N LEU A 213 -2.32 6.79 3.47
CA LEU A 213 -2.63 5.66 4.38
C LEU A 213 -3.65 4.88 3.75
N SER A 214 -3.27 3.73 3.29
CA SER A 214 -4.19 2.92 2.58
C SER A 214 -5.15 2.27 3.55
N SER A 215 -4.64 1.32 4.28
CA SER A 215 -5.49 0.64 5.19
C SER A 215 -6.08 1.67 6.18
N GLY A 216 -5.33 2.71 6.52
CA GLY A 216 -5.83 3.76 7.46
C GLY A 216 -7.03 4.53 6.90
N GLY A 217 -7.45 4.22 5.66
CA GLY A 217 -8.60 4.90 5.08
C GLY A 217 -8.32 5.83 3.91
N ILE A 218 -7.33 5.48 3.10
CA ILE A 218 -6.91 6.36 2.05
C ILE A 218 -6.69 7.78 2.63
N ILE A 219 -5.65 7.94 3.44
CA ILE A 219 -5.37 9.25 3.95
C ILE A 219 -4.12 9.78 3.27
N GLU A 220 -4.31 10.89 2.57
CA GLU A 220 -3.31 11.57 1.76
C GLU A 220 -2.67 12.57 2.61
N LEU A 221 -1.36 12.57 2.66
CA LEU A 221 -0.67 13.60 3.44
C LEU A 221 -0.89 14.92 2.75
N PRO A 222 -1.54 15.84 3.44
CA PRO A 222 -1.89 17.19 2.91
C PRO A 222 -0.67 17.96 2.38
N ASP A 223 -0.96 18.92 1.49
CA ASP A 223 0.06 19.81 0.85
C ASP A 223 1.04 20.35 1.87
N GLY A 224 2.36 20.07 1.67
CA GLY A 224 3.38 20.52 2.58
C GLY A 224 3.66 19.63 3.78
N TYR A 225 2.84 18.63 4.02
CA TYR A 225 3.07 17.81 5.15
C TYR A 225 4.41 17.15 5.04
N MET A 226 4.48 16.26 4.08
CA MET A 226 5.64 15.48 3.93
C MET A 226 6.89 16.30 4.13
N ALA A 227 6.92 17.37 3.40
CA ALA A 227 8.01 18.26 3.46
C ALA A 227 8.24 18.69 4.88
N ALA A 228 7.18 19.13 5.54
CA ALA A 228 7.32 19.56 6.93
C ALA A 228 7.90 18.44 7.73
N LEU A 229 7.40 17.26 7.45
CA LEU A 229 7.75 16.08 8.18
C LEU A 229 9.20 15.80 8.11
N LYS A 230 9.67 15.94 6.90
CA LYS A 230 11.01 15.62 6.64
C LYS A 230 11.86 16.49 7.41
N ARG A 231 11.43 17.70 7.54
CA ARG A 231 12.24 18.61 8.31
C ARG A 231 12.29 18.23 9.81
N LYS A 232 11.20 17.68 10.26
CA LYS A 232 11.09 17.20 11.63
C LYS A 232 12.18 16.14 11.93
N CYS A 233 12.34 15.20 10.99
CA CYS A 233 13.33 14.18 11.17
C CYS A 233 14.66 14.77 11.12
N GLU A 234 14.98 15.37 9.97
CA GLU A 234 16.30 15.99 9.81
C GLU A 234 16.67 16.76 11.07
N ALA A 235 15.74 17.53 11.56
CA ALA A 235 16.00 18.27 12.76
C ALA A 235 16.48 17.36 13.90
N ARG A 236 15.86 16.20 14.12
CA ARG A 236 16.22 15.32 15.23
C ARG A 236 17.16 14.20 14.90
N GLY A 237 17.87 14.34 13.78
CA GLY A 237 18.78 13.29 13.35
C GLY A 237 18.17 11.90 12.95
N MET A 238 16.87 11.88 12.62
CA MET A 238 16.12 10.68 12.28
C MET A 238 15.98 10.50 10.81
N LEU A 239 15.86 9.24 10.34
CA LEU A 239 15.58 9.04 8.92
C LEU A 239 14.10 9.08 8.69
N LEU A 240 13.76 9.30 7.45
CA LEU A 240 12.45 9.27 7.08
C LEU A 240 12.36 8.09 6.07
N ILE A 241 11.64 7.04 6.47
CA ILE A 241 11.47 5.87 5.63
C ILE A 241 10.10 6.06 5.05
N LEU A 242 10.00 5.96 3.71
CA LEU A 242 8.68 6.05 2.96
C LEU A 242 8.28 4.67 2.45
N ASP A 243 7.17 4.19 3.01
CA ASP A 243 6.62 2.89 2.66
C ASP A 243 5.73 2.96 1.34
N GLU A 244 6.24 2.67 0.16
CA GLU A 244 5.31 2.77 -0.99
C GLU A 244 4.81 1.41 -1.49
N ALA A 245 4.55 0.52 -0.54
CA ALA A 245 4.03 -0.80 -0.93
C ALA A 245 2.77 -0.68 -1.90
N GLN A 246 1.93 0.31 -1.63
CA GLN A 246 0.75 0.48 -2.43
C GLN A 246 0.83 1.71 -3.25
N THR A 247 1.50 2.72 -2.73
CA THR A 247 1.57 3.95 -3.44
C THR A 247 2.60 3.88 -4.53
N GLY A 248 3.61 3.04 -4.37
CA GLY A 248 4.68 3.04 -5.33
C GLY A 248 4.29 2.54 -6.69
N VAL A 249 5.21 2.67 -7.63
CA VAL A 249 5.05 2.13 -8.94
C VAL A 249 3.86 2.61 -9.73
N GLY A 250 3.62 3.94 -9.73
CA GLY A 250 2.60 4.43 -10.64
C GLY A 250 1.13 4.55 -10.26
N ARG A 251 0.69 3.81 -9.23
CA ARG A 251 -0.69 3.81 -8.68
C ARG A 251 -1.32 5.15 -8.39
N THR A 252 -0.59 6.05 -7.74
CA THR A 252 -1.09 7.38 -7.47
C THR A 252 -0.98 8.40 -8.72
N GLY A 253 -0.43 7.90 -9.84
CA GLY A 253 -0.33 8.72 -11.01
C GLY A 253 1.11 9.30 -11.25
N THR A 254 2.08 8.86 -10.42
CA THR A 254 3.53 9.19 -10.54
C THR A 254 4.23 7.87 -10.33
N MET A 255 5.42 7.76 -10.82
CA MET A 255 6.10 6.49 -10.59
C MET A 255 6.10 6.22 -9.07
N PHE A 256 6.34 7.31 -8.29
CA PHE A 256 6.38 7.30 -6.81
C PHE A 256 5.69 8.48 -6.14
N ALA A 257 4.78 8.16 -5.25
CA ALA A 257 4.09 9.19 -4.55
C ALA A 257 5.03 10.30 -4.02
N CYS A 258 6.08 9.96 -3.30
CA CYS A 258 7.01 11.00 -2.76
C CYS A 258 7.42 12.05 -3.86
N GLN A 259 7.58 11.57 -5.12
CA GLN A 259 7.86 12.42 -6.22
C GLN A 259 6.73 13.43 -6.28
N ARG A 260 5.51 13.07 -5.96
CA ARG A 260 4.49 14.15 -6.00
C ARG A 260 4.95 15.28 -5.12
N ASP A 261 5.27 15.01 -3.88
CA ASP A 261 5.62 16.13 -3.00
C ASP A 261 6.94 16.74 -3.38
N GLY A 262 7.65 16.04 -4.25
CA GLY A 262 8.96 16.47 -4.59
C GLY A 262 9.81 16.29 -3.33
N VAL A 263 9.36 15.43 -2.36
CA VAL A 263 10.15 15.15 -1.11
C VAL A 263 10.72 13.74 -1.10
N THR A 264 12.07 13.61 -1.08
CA THR A 264 12.71 12.27 -1.10
C THR A 264 13.15 11.73 0.20
N PRO A 265 12.66 10.56 0.56
CA PRO A 265 12.97 10.02 1.88
C PRO A 265 14.42 9.47 1.97
N ASP A 266 14.82 9.09 3.18
CA ASP A 266 16.12 8.42 3.46
C ASP A 266 16.09 6.97 2.96
N ILE A 267 14.95 6.33 3.09
CA ILE A 267 14.85 5.01 2.55
C ILE A 267 13.49 4.96 2.06
N LEU A 268 13.32 4.26 0.94
CA LEU A 268 12.04 4.06 0.33
C LEU A 268 11.86 2.54 0.26
N THR A 269 10.61 2.10 0.42
CA THR A 269 10.32 0.66 0.40
C THR A 269 9.24 0.31 -0.50
N LEU A 270 9.46 -0.75 -1.23
CA LEU A 270 8.55 -1.26 -2.24
C LEU A 270 8.20 -2.75 -2.06
N SER A 271 7.05 -3.17 -2.58
CA SER A 271 6.66 -4.57 -2.53
C SER A 271 5.47 -4.90 -3.40
N LYS A 272 4.25 -4.69 -2.89
CA LYS A 272 3.00 -5.12 -3.61
C LYS A 272 2.94 -4.84 -5.07
N THR A 273 2.95 -3.54 -5.37
CA THR A 273 2.85 -3.07 -6.73
C THR A 273 4.10 -3.42 -7.47
N LEU A 274 5.21 -3.66 -6.75
CA LEU A 274 6.50 -4.01 -7.42
C LEU A 274 6.54 -5.37 -8.00
N GLY A 275 6.01 -6.34 -7.25
CA GLY A 275 5.96 -7.75 -7.71
C GLY A 275 4.74 -8.01 -8.55
N ALA A 276 3.87 -6.99 -8.64
CA ALA A 276 2.63 -7.05 -9.42
C ALA A 276 1.79 -8.38 -9.20
N GLY A 277 1.84 -8.91 -7.95
CA GLY A 277 1.17 -10.14 -7.61
C GLY A 277 2.12 -11.19 -7.06
N LEU A 278 3.38 -11.09 -7.47
CA LEU A 278 4.42 -12.02 -7.11
C LEU A 278 5.14 -11.49 -5.95
N PRO A 279 5.71 -12.35 -5.16
CA PRO A 279 6.44 -11.89 -3.95
C PRO A 279 7.87 -11.35 -4.20
N LEU A 280 7.91 -10.06 -4.41
CA LEU A 280 9.17 -9.40 -4.61
C LEU A 280 9.10 -8.12 -3.88
N ALA A 281 10.14 -7.80 -3.16
CA ALA A 281 10.11 -6.54 -2.46
C ALA A 281 11.45 -5.83 -2.56
N ALA A 282 11.51 -4.63 -2.08
CA ALA A 282 12.78 -3.99 -2.09
C ALA A 282 12.87 -2.77 -1.23
N ILE A 283 14.10 -2.40 -0.94
CA ILE A 283 14.31 -1.11 -0.37
C ILE A 283 15.38 -0.41 -1.24
N VAL A 284 15.40 0.92 -1.14
CA VAL A 284 16.30 1.73 -1.87
C VAL A 284 16.75 2.85 -0.92
N THR A 285 18.07 3.13 -0.97
CA THR A 285 18.62 4.18 -0.17
C THR A 285 19.78 4.88 -0.86
N SER A 286 20.19 5.93 -0.23
CA SER A 286 21.22 6.71 -0.73
C SER A 286 22.45 5.91 -0.61
N ALA A 287 23.39 6.22 -1.46
CA ALA A 287 24.72 5.56 -1.40
C ALA A 287 25.49 5.86 -0.09
N ALA A 288 25.23 7.03 0.46
CA ALA A 288 25.85 7.39 1.70
C ALA A 288 25.34 6.53 2.83
N ILE A 289 24.02 6.41 2.92
CA ILE A 289 23.47 5.64 4.00
C ILE A 289 23.96 4.23 3.78
N GLU A 290 23.94 3.78 2.53
CA GLU A 290 24.36 2.42 2.36
C GLU A 290 25.78 2.19 2.82
N GLU A 291 26.65 3.10 2.42
CA GLU A 291 28.04 2.95 2.80
C GLU A 291 28.24 2.79 4.28
N ARG A 292 27.55 3.64 5.03
CA ARG A 292 27.65 3.58 6.45
C ARG A 292 27.10 2.36 7.06
N ALA A 293 25.96 1.95 6.55
CA ALA A 293 25.33 0.75 7.05
C ALA A 293 26.41 -0.34 6.90
N HIS A 294 27.06 -0.25 5.76
CA HIS A 294 28.05 -1.16 5.45
C HIS A 294 29.31 -1.10 6.37
N GLU A 295 29.82 0.07 6.70
CA GLU A 295 31.02 0.11 7.59
C GLU A 295 30.59 -0.53 8.89
N LEU A 296 29.31 -0.34 9.20
CA LEU A 296 28.68 -0.81 10.44
C LEU A 296 28.19 -2.31 10.43
N GLY A 297 28.40 -2.97 9.35
CA GLY A 297 28.06 -4.35 9.33
C GLY A 297 26.67 -4.66 9.04
N TYR A 298 25.93 -3.75 8.37
CA TYR A 298 24.53 -4.06 8.09
C TYR A 298 24.37 -5.45 7.50
N LEU A 299 23.39 -6.17 8.03
CA LEU A 299 23.12 -7.49 7.61
C LEU A 299 21.65 -7.69 7.45
N PHE A 300 21.22 -8.22 6.35
CA PHE A 300 19.85 -8.56 6.20
C PHE A 300 19.89 -9.64 5.14
N TYR A 301 20.44 -10.82 5.49
CA TYR A 301 20.63 -11.96 4.55
C TYR A 301 19.47 -12.97 4.55
N THR A 302 18.88 -13.16 3.38
CA THR A 302 17.80 -14.10 3.25
C THR A 302 18.00 -15.13 2.21
N THR A 303 16.99 -15.96 2.08
CA THR A 303 16.98 -17.04 1.19
C THR A 303 16.75 -16.52 -0.17
N HIS A 304 15.89 -15.57 -0.21
CA HIS A 304 15.55 -15.12 -1.50
C HIS A 304 16.09 -13.71 -1.81
N VAL A 305 16.85 -13.14 -0.86
CA VAL A 305 17.49 -11.88 -1.13
C VAL A 305 18.24 -12.14 -2.46
N SER A 306 18.03 -11.23 -3.41
CA SER A 306 18.77 -11.30 -4.66
C SER A 306 18.50 -12.56 -5.52
N ASP A 307 17.24 -12.95 -5.67
CA ASP A 307 16.90 -14.15 -6.47
C ASP A 307 16.51 -13.72 -7.88
N PRO A 308 17.14 -14.39 -8.83
CA PRO A 308 17.02 -14.04 -10.25
C PRO A 308 15.61 -14.06 -10.71
N LEU A 309 14.95 -15.19 -10.58
CA LEU A 309 13.59 -15.21 -11.05
C LEU A 309 12.69 -13.95 -10.59
N PRO A 310 12.52 -13.80 -9.28
CA PRO A 310 11.75 -12.65 -8.76
C PRO A 310 12.33 -11.32 -9.32
N ALA A 311 13.63 -11.11 -9.14
CA ALA A 311 14.25 -9.91 -9.68
C ALA A 311 13.78 -9.75 -11.17
N ALA A 312 13.82 -10.85 -11.92
CA ALA A 312 13.44 -10.81 -13.30
C ALA A 312 12.09 -10.18 -13.47
N VAL A 313 11.13 -10.77 -12.76
CA VAL A 313 9.75 -10.30 -12.79
C VAL A 313 9.53 -8.76 -12.56
N GLY A 314 10.06 -8.21 -11.48
CA GLY A 314 9.90 -6.75 -11.24
C GLY A 314 10.48 -5.89 -12.39
N LEU A 315 11.62 -6.27 -12.91
CA LEU A 315 12.13 -5.53 -14.04
C LEU A 315 11.07 -5.42 -15.13
N ARG A 316 10.54 -6.57 -15.52
CA ARG A 316 9.54 -6.68 -16.56
C ARG A 316 8.35 -5.81 -16.20
N VAL A 317 8.00 -5.88 -14.98
CA VAL A 317 6.92 -5.08 -14.58
C VAL A 317 7.29 -3.69 -14.87
N LEU A 318 8.29 -3.27 -14.17
CA LEU A 318 8.82 -1.94 -14.32
C LEU A 318 8.73 -1.55 -15.78
N ASP A 319 9.41 -2.32 -16.60
CA ASP A 319 9.39 -2.06 -18.01
C ASP A 319 8.00 -1.72 -18.48
N VAL A 320 7.21 -2.76 -18.52
CA VAL A 320 5.89 -2.65 -19.00
C VAL A 320 5.30 -1.36 -18.60
N VAL A 321 5.44 -1.05 -17.32
CA VAL A 321 4.84 0.14 -16.79
C VAL A 321 5.18 1.39 -17.55
N GLN A 322 6.46 1.53 -17.73
CA GLN A 322 7.00 2.66 -18.42
C GLN A 322 6.39 2.68 -19.80
N ARG A 323 6.76 1.61 -20.48
CA ARG A 323 6.44 1.49 -21.86
C ARG A 323 4.97 1.67 -22.17
N ASP A 324 4.11 1.29 -21.23
CA ASP A 324 2.75 1.42 -21.53
C ASP A 324 2.20 2.61 -20.99
N GLY A 325 3.11 3.41 -20.48
CA GLY A 325 2.75 4.68 -19.99
C GLY A 325 1.67 4.44 -19.00
N LEU A 326 1.76 3.35 -18.24
CA LEU A 326 0.65 3.11 -17.27
C LEU A 326 0.61 4.13 -16.13
N VAL A 327 1.74 4.78 -15.85
CA VAL A 327 1.66 5.77 -14.80
C VAL A 327 0.61 6.76 -15.16
N ALA A 328 0.60 7.11 -16.43
CA ALA A 328 -0.35 8.09 -16.92
C ALA A 328 -1.75 7.43 -17.04
N ARG A 329 -1.79 6.24 -17.59
CA ARG A 329 -3.07 5.53 -17.73
C ARG A 329 -3.80 5.53 -16.40
N ALA A 330 -3.01 5.50 -15.36
CA ALA A 330 -3.55 5.55 -14.04
C ALA A 330 -4.15 6.90 -13.70
N ASN A 331 -3.75 7.94 -14.40
CA ASN A 331 -4.25 9.29 -14.06
C ASN A 331 -5.54 9.54 -14.74
N VAL A 332 -5.55 9.03 -15.94
CA VAL A 332 -6.64 9.09 -16.85
C VAL A 332 -7.84 8.36 -16.25
N MET A 333 -7.70 7.07 -16.19
CA MET A 333 -8.71 6.24 -15.66
C MET A 333 -8.99 6.67 -14.23
N GLY A 334 -7.96 7.07 -13.53
CA GLY A 334 -8.13 7.43 -12.14
C GLY A 334 -9.03 8.55 -12.12
N ASP A 335 -8.94 9.33 -13.16
CA ASP A 335 -9.81 10.47 -13.22
C ASP A 335 -11.12 10.03 -13.68
N ARG A 336 -11.15 9.08 -14.60
CA ARG A 336 -12.44 8.68 -15.08
C ARG A 336 -13.32 8.20 -13.90
N LEU A 337 -12.73 7.30 -13.08
CA LEU A 337 -13.32 6.73 -11.85
C LEU A 337 -13.85 7.81 -10.87
N ARG A 338 -12.97 8.75 -10.48
CA ARG A 338 -13.36 9.84 -9.57
C ARG A 338 -14.69 10.46 -10.03
N ARG A 339 -14.67 11.11 -11.17
CA ARG A 339 -15.90 11.69 -11.72
C ARG A 339 -17.06 10.82 -11.35
N GLY A 340 -17.03 9.59 -11.85
CA GLY A 340 -18.02 8.57 -11.56
C GLY A 340 -18.32 8.56 -10.10
N LEU A 341 -17.30 8.52 -9.27
CA LEU A 341 -17.53 8.51 -7.84
C LEU A 341 -18.28 9.71 -7.39
N LEU A 342 -17.89 10.84 -7.87
CA LEU A 342 -18.56 12.02 -7.40
C LEU A 342 -19.96 12.02 -7.91
N ASP A 343 -20.15 11.44 -9.09
CA ASP A 343 -21.45 11.38 -9.70
C ASP A 343 -22.34 10.62 -8.71
N LEU A 344 -21.87 9.45 -8.27
CA LEU A 344 -22.68 8.64 -7.30
C LEU A 344 -22.79 9.50 -6.07
N MET A 345 -21.69 10.16 -5.72
CA MET A 345 -21.78 10.98 -4.58
C MET A 345 -22.95 12.00 -4.70
N GLU A 346 -23.24 12.41 -5.95
CA GLU A 346 -24.30 13.39 -6.24
C GLU A 346 -25.68 12.68 -6.01
N ARG A 347 -25.76 11.43 -6.42
CA ARG A 347 -26.97 10.69 -6.31
C ARG A 347 -27.25 10.40 -4.84
N PHE A 348 -26.22 9.83 -4.17
CA PHE A 348 -26.26 9.28 -2.81
C PHE A 348 -25.64 10.04 -1.62
N ASP A 349 -26.45 10.37 -0.60
CA ASP A 349 -25.97 11.09 0.60
C ASP A 349 -25.04 10.31 1.48
N CYS A 350 -25.15 8.99 1.48
CA CYS A 350 -24.31 8.16 2.35
C CYS A 350 -22.87 8.25 1.96
N ILE A 351 -22.68 8.83 0.80
CA ILE A 351 -21.36 9.03 0.28
C ILE A 351 -20.87 10.31 0.85
N GLY A 352 -20.11 10.19 1.92
CA GLY A 352 -19.68 11.33 2.63
C GLY A 352 -18.44 11.94 2.05
N ASP A 353 -17.54 11.12 1.47
CA ASP A 353 -16.29 11.65 0.90
C ASP A 353 -15.62 10.89 -0.28
N VAL A 354 -15.07 11.64 -1.27
CA VAL A 354 -14.34 11.03 -2.44
C VAL A 354 -12.97 11.58 -2.47
N ARG A 355 -12.03 10.67 -2.20
CA ARG A 355 -10.63 11.02 -2.09
C ARG A 355 -9.60 9.99 -2.59
N GLY A 356 -8.33 10.40 -2.62
CA GLY A 356 -7.27 9.53 -3.10
C GLY A 356 -6.54 10.24 -4.19
N ARG A 357 -5.81 9.47 -4.96
CA ARG A 357 -5.00 9.95 -6.06
C ARG A 357 -4.81 8.84 -7.04
N GLY A 358 -4.81 9.23 -8.29
CA GLY A 358 -4.63 8.26 -9.33
C GLY A 358 -5.67 7.16 -9.26
N LEU A 359 -5.16 5.97 -9.36
CA LEU A 359 -5.96 4.84 -9.32
C LEU A 359 -5.92 4.32 -7.87
N LEU A 360 -6.03 5.25 -6.91
CA LEU A 360 -6.10 4.89 -5.47
C LEU A 360 -7.05 5.83 -4.83
N LEU A 361 -8.32 5.41 -4.76
CA LEU A 361 -9.34 6.27 -4.21
C LEU A 361 -10.10 5.59 -3.18
N GLY A 362 -10.76 6.38 -2.34
CA GLY A 362 -11.55 5.79 -1.32
C GLY A 362 -12.77 6.58 -1.20
N VAL A 363 -13.85 5.92 -0.88
CA VAL A 363 -15.12 6.57 -0.71
C VAL A 363 -15.57 6.37 0.78
N GLU A 364 -15.72 7.45 1.54
CA GLU A 364 -16.10 7.31 2.92
C GLU A 364 -17.66 7.29 3.12
N ILE A 365 -18.17 6.21 3.78
CA ILE A 365 -19.64 6.08 4.06
C ILE A 365 -20.10 6.57 5.36
N VAL A 366 -21.04 7.49 5.25
CA VAL A 366 -21.62 8.20 6.37
C VAL A 366 -23.09 8.08 6.37
N LYS A 367 -23.64 8.30 7.57
CA LYS A 367 -25.10 8.26 7.84
C LYS A 367 -25.67 9.57 7.36
N ASP A 368 -24.97 10.67 7.73
CA ASP A 368 -25.31 12.04 7.25
C ASP A 368 -24.05 12.90 7.12
N ARG A 369 -24.01 13.67 6.04
CA ARG A 369 -22.84 14.53 5.76
C ARG A 369 -22.58 15.55 6.84
N ARG A 370 -23.65 16.05 7.36
CA ARG A 370 -23.53 16.99 8.40
C ARG A 370 -22.78 16.42 9.65
N THR A 371 -23.14 15.22 10.13
CA THR A 371 -22.45 14.68 11.33
C THR A 371 -21.30 13.77 10.97
N LYS A 372 -21.21 13.40 9.70
CA LYS A 372 -20.10 12.54 9.28
C LYS A 372 -20.08 11.35 10.24
N GLU A 373 -21.27 10.87 10.56
CA GLU A 373 -21.44 9.75 11.46
C GLU A 373 -21.27 8.43 10.67
N PRO A 374 -20.29 7.57 11.05
CA PRO A 374 -20.05 6.38 10.24
C PRO A 374 -21.29 5.57 9.99
N ALA A 375 -21.43 5.09 8.76
CA ALA A 375 -22.57 4.28 8.41
C ALA A 375 -22.21 2.86 8.70
N ASP A 376 -22.86 2.41 9.76
CA ASP A 376 -22.70 1.11 10.35
C ASP A 376 -23.61 0.11 9.62
N GLY A 377 -22.99 -0.96 9.13
CA GLY A 377 -23.67 -2.02 8.39
C GLY A 377 -23.84 -1.62 6.96
N LEU A 378 -24.15 -0.35 6.76
CA LEU A 378 -24.34 0.12 5.43
C LEU A 378 -23.17 -0.24 4.57
N GLY A 379 -22.00 0.22 5.00
CA GLY A 379 -20.79 -0.04 4.25
C GLY A 379 -20.71 -1.45 3.74
N ALA A 380 -20.92 -2.39 4.65
CA ALA A 380 -20.84 -3.76 4.22
C ALA A 380 -21.96 -4.20 3.34
N LYS A 381 -23.16 -3.66 3.52
CA LYS A 381 -24.24 -4.12 2.62
C LYS A 381 -23.73 -3.80 1.19
N ILE A 382 -23.33 -2.54 0.99
CA ILE A 382 -22.86 -2.13 -0.30
C ILE A 382 -21.85 -3.11 -0.73
N THR A 383 -20.86 -3.29 0.10
CA THR A 383 -19.78 -4.17 -0.25
C THR A 383 -20.30 -5.47 -0.72
N ARG A 384 -21.21 -6.03 0.09
CA ARG A 384 -21.88 -7.39 -0.12
C ARG A 384 -22.61 -7.51 -1.41
N GLU A 385 -23.37 -6.44 -1.69
CA GLU A 385 -24.16 -6.28 -2.91
C GLU A 385 -23.23 -6.22 -4.18
N CYS A 386 -22.06 -5.58 -4.03
CA CYS A 386 -21.12 -5.45 -5.16
C CYS A 386 -20.77 -6.81 -5.67
N MET A 387 -20.42 -7.65 -4.75
CA MET A 387 -20.06 -8.98 -5.06
C MET A 387 -21.20 -9.65 -5.79
N ASN A 388 -22.41 -9.56 -5.25
CA ASN A 388 -23.56 -10.17 -5.90
C ASN A 388 -23.47 -9.69 -7.34
N LEU A 389 -23.44 -8.36 -7.45
CA LEU A 389 -23.34 -7.70 -8.73
C LEU A 389 -22.10 -8.15 -9.53
N GLY A 390 -21.14 -8.84 -8.87
CA GLY A 390 -19.95 -9.39 -9.57
C GLY A 390 -18.85 -8.39 -9.77
N LEU A 391 -18.70 -7.55 -8.75
CA LEU A 391 -17.66 -6.53 -8.71
C LEU A 391 -16.95 -6.71 -7.35
N SER A 392 -15.64 -7.01 -7.36
CA SER A 392 -14.88 -7.12 -6.08
C SER A 392 -14.44 -5.80 -5.50
N MET A 393 -14.78 -5.65 -4.22
CA MET A 393 -14.51 -4.43 -3.45
C MET A 393 -13.94 -4.62 -2.01
N ASN A 394 -13.50 -3.50 -1.42
CA ASN A 394 -12.90 -3.52 -0.09
C ASN A 394 -13.19 -2.29 0.73
N ILE A 395 -13.74 -2.58 1.89
CA ILE A 395 -14.19 -1.58 2.85
C ILE A 395 -13.29 -1.60 4.12
N VAL A 396 -12.97 -0.47 4.70
CA VAL A 396 -12.09 -0.51 5.85
C VAL A 396 -12.76 0.18 6.96
N GLN A 397 -12.79 -0.40 8.11
CA GLN A 397 -13.42 0.31 9.13
C GLN A 397 -12.64 0.49 10.36
N LEU A 398 -12.19 1.71 10.55
CA LEU A 398 -11.47 2.05 11.77
C LEU A 398 -12.47 2.63 12.72
N PRO A 399 -11.99 2.91 13.94
CA PRO A 399 -12.80 3.59 14.95
C PRO A 399 -12.78 5.09 14.54
N GLY A 400 -13.85 5.81 14.83
CA GLY A 400 -13.91 7.26 14.52
C GLY A 400 -14.31 7.69 13.13
N MET A 401 -14.31 6.77 12.17
CA MET A 401 -14.68 7.17 10.82
C MET A 401 -15.60 6.24 9.95
N GLY A 402 -16.52 6.83 9.13
CA GLY A 402 -17.38 6.03 8.23
C GLY A 402 -16.42 5.05 7.53
N GLY A 403 -16.88 3.85 7.18
CA GLY A 403 -16.00 2.86 6.55
C GLY A 403 -15.58 3.31 5.15
N VAL A 404 -14.38 2.94 4.74
CA VAL A 404 -13.89 3.36 3.45
C VAL A 404 -13.72 2.30 2.42
N PHE A 405 -14.26 2.52 1.22
CA PHE A 405 -14.05 1.54 0.17
C PHE A 405 -12.77 1.91 -0.37
N ARG A 406 -11.97 0.92 -0.58
CA ARG A 406 -10.66 1.21 -1.09
C ARG A 406 -10.66 0.75 -2.52
N ILE A 407 -10.77 1.68 -3.46
CA ILE A 407 -10.79 1.29 -4.90
C ILE A 407 -9.39 1.35 -5.60
N ALA A 408 -8.86 0.20 -6.04
CA ALA A 408 -7.53 0.13 -6.64
C ALA A 408 -7.45 -0.86 -7.74
N PRO A 409 -8.06 -0.50 -8.79
CA PRO A 409 -8.11 -1.36 -10.00
C PRO A 409 -6.76 -1.31 -10.75
N PRO A 410 -6.54 -2.27 -11.62
CA PRO A 410 -5.31 -2.36 -12.36
C PRO A 410 -5.03 -1.17 -13.14
N LEU A 411 -3.74 -0.89 -13.30
CA LEU A 411 -3.33 0.25 -14.09
C LEU A 411 -3.68 -0.11 -15.57
N THR A 412 -3.84 -1.39 -15.83
CA THR A 412 -4.20 -1.82 -17.14
C THR A 412 -5.70 -1.81 -17.26
N VAL A 413 -6.40 -1.26 -16.32
CA VAL A 413 -7.82 -1.36 -16.45
C VAL A 413 -8.22 -0.57 -17.70
N SER A 414 -9.35 -0.97 -18.32
CA SER A 414 -9.95 -0.31 -19.50
C SER A 414 -11.01 0.70 -19.08
N GLU A 415 -11.40 1.54 -20.01
CA GLU A 415 -12.41 2.56 -19.74
C GLU A 415 -13.66 1.90 -19.44
N ASP A 416 -13.98 0.94 -20.26
CA ASP A 416 -15.23 0.36 -20.08
C ASP A 416 -15.24 -0.27 -18.78
N GLU A 417 -14.13 -0.98 -18.49
CA GLU A 417 -14.01 -1.66 -17.22
C GLU A 417 -14.36 -0.65 -16.18
N ILE A 418 -13.82 0.55 -16.30
CA ILE A 418 -14.12 1.51 -15.26
C ILE A 418 -15.57 1.72 -15.00
N ASP A 419 -16.24 2.10 -16.05
CA ASP A 419 -17.61 2.43 -15.96
C ASP A 419 -18.38 1.27 -15.32
N LEU A 420 -18.25 0.12 -15.91
CA LEU A 420 -18.87 -1.04 -15.37
C LEU A 420 -18.82 -1.08 -13.83
N GLY A 421 -17.61 -0.96 -13.27
CA GLY A 421 -17.45 -0.95 -11.84
C GLY A 421 -18.38 0.11 -11.33
N LEU A 422 -18.17 1.32 -11.80
CA LEU A 422 -18.99 2.46 -11.42
C LEU A 422 -20.50 2.17 -11.34
N SER A 423 -20.96 1.62 -12.43
CA SER A 423 -22.34 1.24 -12.56
C SER A 423 -22.78 0.18 -11.44
N LEU A 424 -22.09 -0.98 -11.39
CA LEU A 424 -22.41 -1.97 -10.39
C LEU A 424 -22.41 -1.31 -9.04
N LEU A 425 -21.54 -0.35 -8.85
CA LEU A 425 -21.52 0.33 -7.58
C LEU A 425 -22.78 1.12 -7.27
N GLY A 426 -23.26 1.91 -8.22
CA GLY A 426 -24.48 2.72 -8.01
C GLY A 426 -25.62 1.76 -7.63
N GLN A 427 -25.72 0.66 -8.41
CA GLN A 427 -26.70 -0.42 -8.17
C GLN A 427 -26.63 -0.96 -6.83
N ALA A 428 -25.42 -1.29 -6.43
CA ALA A 428 -25.18 -1.83 -5.15
C ALA A 428 -25.49 -0.77 -4.16
N ILE A 429 -25.30 0.47 -4.50
CA ILE A 429 -25.64 1.43 -3.46
C ILE A 429 -27.16 1.40 -3.41
N GLU A 430 -27.80 1.56 -4.57
CA GLU A 430 -29.29 1.48 -4.67
C GLU A 430 -29.90 0.36 -3.81
N ARG A 431 -29.55 -0.90 -4.11
CA ARG A 431 -30.00 -2.08 -3.34
C ARG A 431 -29.67 -2.07 -1.84
N ALA A 432 -28.51 -1.52 -1.54
CA ALA A 432 -28.04 -1.49 -0.19
C ALA A 432 -28.80 -0.54 0.77
N LEU A 433 -29.33 0.56 0.27
CA LEU A 433 -30.02 1.44 1.19
C LEU A 433 -31.32 0.87 1.81
#